data_7EQJ
#
_entry.id   7EQJ
#
_cell.length_a   53.541
_cell.length_b   33.059
_cell.length_c   131.797
_cell.angle_alpha   90.000
_cell.angle_beta   98.150
_cell.angle_gamma   90.000
#
_symmetry.space_group_name_H-M   'P 1 21 1'
#
loop_
_entity.id
_entity.type
_entity.pdbx_description
1 polymer 'RNA (76-MER)'
2 non-polymer 'MAGNESIUM ION'
3 non-polymer 'SODIUM ION'
4 water water
#
_entity_poly.entity_id   1
_entity_poly.type   'polyribonucleotide'
_entity_poly.pdbx_seq_one_letter_code
;GGGUGAUUAGCUCAGCUGGGAGAGCACCUCCCUUACAAGGAGGGGGUCGGCGGUUCGAUCCCGUCAUCACCCACCA
;
_entity_poly.pdbx_strand_id   A,B
#